data_7YNP
#
_entry.id   7YNP
#
loop_
_entity.id
_entity.type
_entity.pdbx_description
1 polymer Alpha-synuclein
2 non-polymer 5-[(~{E})-2-(6-methoxy-1,3-benzoxazol-2-yl)ethenyl]-~{N},~{N}-dimethyl-1,3-thiazol-2-amine
#
_entity_poly.entity_id   1
_entity_poly.type   'polypeptide(L)'
_entity_poly.pdbx_seq_one_letter_code
;MDVFMKGLSKAKEGVVAAAEKTKQGVAEAAGKTKEGVLYVGSKTKEGVVHGVATVAEKTKEQVTNVGGAVVTGVTAVAQK
TVEGAGSIAAATGFVKKDQLGKNEEGAPQEGILEDMPVDPDNEAYEMPSEEGYQDYEPEA
;
_entity_poly.pdbx_strand_id   A,B,C,D,E,F
#
loop_
_chem_comp.id
_chem_comp.type
_chem_comp.name
_chem_comp.formula
IZM non-polymer 5-[(~{E})-2-(6-methoxy-1,3-benzoxazol-2-yl)ethenyl]-~{N},~{N}-dimethyl-1,3-thiazol-2-amine 'C15 H15 N3 O2 S'
#
# COMPACT_ATOMS: atom_id res chain seq x y z
N VAL A 37 14.99 -31.21 -24.97
CA VAL A 37 16.31 -30.93 -25.52
C VAL A 37 16.36 -29.51 -26.05
N LEU A 38 15.35 -28.71 -25.71
CA LEU A 38 15.33 -27.31 -26.14
C LEU A 38 14.37 -26.55 -25.24
N TYR A 39 14.89 -25.63 -24.45
CA TYR A 39 14.10 -24.79 -23.57
C TYR A 39 14.23 -23.34 -24.03
N VAL A 40 13.13 -22.75 -24.47
CA VAL A 40 13.12 -21.35 -24.89
C VAL A 40 12.17 -20.61 -23.97
N GLY A 41 12.73 -19.75 -23.11
CA GLY A 41 11.94 -18.93 -22.22
C GLY A 41 12.03 -17.48 -22.65
N SER A 42 10.98 -16.72 -22.36
CA SER A 42 10.95 -15.30 -22.71
C SER A 42 9.97 -14.62 -21.78
N LYS A 43 10.49 -13.83 -20.84
CA LYS A 43 9.66 -13.12 -19.87
C LYS A 43 8.89 -14.10 -19.00
N THR A 44 9.53 -15.21 -18.69
CA THR A 44 8.97 -16.29 -17.88
C THR A 44 9.20 -15.99 -16.41
N LYS A 45 8.13 -15.68 -15.68
CA LYS A 45 8.22 -15.45 -14.24
C LYS A 45 7.84 -16.71 -13.49
N GLU A 46 8.52 -16.97 -12.37
CA GLU A 46 8.25 -18.16 -11.55
C GLU A 46 8.53 -17.83 -10.10
N GLY A 47 7.51 -17.88 -9.26
CA GLY A 47 7.68 -17.52 -7.88
C GLY A 47 8.08 -16.06 -7.76
N VAL A 48 7.22 -15.16 -8.20
CA VAL A 48 7.51 -13.74 -8.27
C VAL A 48 6.44 -12.98 -7.53
N VAL A 49 6.84 -12.00 -6.74
CA VAL A 49 5.92 -11.14 -6.02
C VAL A 49 6.27 -9.70 -6.35
N HIS A 50 5.34 -8.97 -6.95
CA HIS A 50 5.65 -7.58 -7.23
C HIS A 50 4.42 -6.71 -7.11
N GLY A 51 4.63 -5.44 -6.79
CA GLY A 51 3.56 -4.47 -6.72
C GLY A 51 2.69 -4.59 -5.50
N VAL A 52 3.30 -4.68 -4.32
CA VAL A 52 2.59 -4.89 -3.08
C VAL A 52 2.63 -3.60 -2.27
N ALA A 53 1.51 -3.24 -1.69
CA ALA A 53 1.43 -2.07 -0.81
C ALA A 53 0.76 -2.51 0.48
N THR A 54 1.40 -2.22 1.59
CA THR A 54 0.94 -2.71 2.88
C THR A 54 1.02 -1.60 3.91
N VAL A 55 -0.02 -1.46 4.71
CA VAL A 55 -0.02 -0.57 5.85
C VAL A 55 -0.54 -1.35 7.05
N ALA A 56 0.18 -1.33 8.15
CA ALA A 56 -0.18 -2.10 9.35
C ALA A 56 -0.04 -1.22 10.57
N GLU A 57 -1.13 -0.56 10.96
CA GLU A 57 -1.18 0.23 12.17
C GLU A 57 -1.70 -0.65 13.31
N LYS A 58 -0.87 -0.88 14.31
CA LYS A 58 -1.26 -1.67 15.47
C LYS A 58 -0.80 -0.99 16.73
N THR A 59 -1.56 -1.16 17.81
CA THR A 59 -1.20 -0.54 19.08
C THR A 59 -0.37 -1.47 19.97
N LYS A 60 -0.63 -2.77 19.93
CA LYS A 60 0.17 -3.73 20.68
C LYS A 60 0.32 -4.99 19.85
N GLU A 61 1.43 -5.69 20.05
CA GLU A 61 1.66 -6.95 19.35
C GLU A 61 2.59 -7.80 20.21
N GLN A 62 2.00 -8.71 20.99
CA GLN A 62 2.77 -9.60 21.84
C GLN A 62 2.78 -11.00 21.26
N VAL A 63 3.84 -11.75 21.54
CA VAL A 63 3.92 -13.17 21.23
C VAL A 63 4.65 -13.85 22.38
N THR A 64 3.99 -14.80 23.02
CA THR A 64 4.54 -15.54 24.15
C THR A 64 4.68 -16.99 23.75
N ASN A 65 5.92 -17.47 23.67
CA ASN A 65 6.20 -18.83 23.29
C ASN A 65 6.82 -19.59 24.46
N VAL A 66 6.37 -20.82 24.67
CA VAL A 66 6.95 -21.70 25.68
C VAL A 66 7.20 -23.05 25.01
N GLY A 67 8.41 -23.23 24.47
CA GLY A 67 8.84 -24.54 24.03
C GLY A 67 8.15 -25.12 22.82
N GLY A 68 7.66 -24.27 21.92
CA GLY A 68 7.08 -24.75 20.69
C GLY A 68 7.68 -24.08 19.47
N ALA A 69 6.83 -23.47 18.65
CA ALA A 69 7.29 -22.69 17.52
C ALA A 69 6.24 -21.64 17.21
N VAL A 70 6.68 -20.43 16.85
CA VAL A 70 5.77 -19.38 16.43
C VAL A 70 6.36 -18.70 15.20
N VAL A 71 5.60 -18.66 14.11
CA VAL A 71 5.96 -17.90 12.92
C VAL A 71 4.91 -16.83 12.72
N THR A 72 5.35 -15.58 12.55
CA THR A 72 4.40 -14.51 12.36
C THR A 72 5.00 -13.37 11.54
N GLY A 73 4.24 -12.89 10.56
CA GLY A 73 4.56 -11.66 9.88
C GLY A 73 5.30 -11.79 8.56
N VAL A 74 5.07 -12.86 7.83
CA VAL A 74 5.72 -13.07 6.54
C VAL A 74 4.92 -12.34 5.47
N THR A 75 5.60 -11.61 4.60
CA THR A 75 4.93 -10.78 3.62
C THR A 75 5.83 -10.55 2.41
N ALA A 76 5.26 -10.67 1.22
CA ALA A 76 5.97 -10.40 -0.03
C ALA A 76 7.22 -11.25 -0.14
N VAL A 77 7.03 -12.57 -0.07
CA VAL A 77 8.12 -13.53 -0.07
C VAL A 77 7.96 -14.42 -1.29
N ALA A 78 9.06 -14.66 -1.99
CA ALA A 78 9.03 -15.45 -3.22
C ALA A 78 10.26 -16.34 -3.28
N GLN A 79 10.08 -17.57 -3.74
CA GLN A 79 11.23 -18.46 -3.87
C GLN A 79 10.95 -19.51 -4.93
N LYS A 80 12.00 -20.21 -5.33
CA LYS A 80 11.91 -21.30 -6.27
C LYS A 80 12.93 -22.36 -5.89
N THR A 81 12.48 -23.59 -5.70
CA THR A 81 13.33 -24.71 -5.31
C THR A 81 13.28 -25.77 -6.38
N VAL A 82 14.44 -26.27 -6.80
CA VAL A 82 14.55 -27.36 -7.75
C VAL A 82 15.24 -28.51 -7.06
N GLU A 83 14.64 -29.69 -7.13
CA GLU A 83 15.21 -30.90 -6.53
C GLU A 83 15.30 -30.78 -5.00
N GLY A 84 14.21 -30.33 -4.39
CA GLY A 84 14.19 -30.24 -2.94
C GLY A 84 12.90 -29.65 -2.43
N ALA A 85 12.63 -29.81 -1.14
CA ALA A 85 11.40 -29.33 -0.53
C ALA A 85 11.54 -27.86 -0.14
N GLY A 86 10.47 -27.10 -0.36
CA GLY A 86 10.48 -25.69 -0.03
C GLY A 86 9.30 -25.27 0.80
N SER A 87 9.56 -24.78 2.00
CA SER A 87 8.53 -24.36 2.93
C SER A 87 8.71 -22.87 3.20
N ILE A 88 7.61 -22.13 3.25
CA ILE A 88 7.75 -20.69 3.35
C ILE A 88 7.65 -20.24 4.79
N ALA A 89 6.50 -20.45 5.42
CA ALA A 89 6.32 -20.07 6.82
C ALA A 89 5.81 -21.30 7.54
N ALA A 90 6.73 -22.17 7.93
CA ALA A 90 6.42 -23.49 8.45
C ALA A 90 6.85 -23.56 9.91
N ALA A 91 5.91 -23.89 10.78
CA ALA A 91 6.18 -24.07 12.20
C ALA A 91 6.07 -25.54 12.54
N THR A 92 7.07 -26.07 13.22
CA THR A 92 7.09 -27.46 13.66
C THR A 92 7.21 -27.50 15.18
N GLY A 93 6.41 -28.35 15.80
CA GLY A 93 6.32 -28.37 17.25
C GLY A 93 7.55 -28.89 17.97
N PHE A 94 7.84 -30.18 17.81
CA PHE A 94 9.11 -30.77 18.20
C PHE A 94 9.12 -32.21 17.72
N VAL A 95 10.29 -32.68 17.35
CA VAL A 95 10.46 -34.04 16.82
C VAL A 95 11.27 -34.84 17.84
N LYS A 96 10.59 -35.73 18.54
CA LYS A 96 11.21 -36.58 19.55
C LYS A 96 11.34 -37.99 19.00
N LYS A 97 12.54 -38.55 19.10
CA LYS A 97 12.77 -39.92 18.68
C LYS A 97 13.52 -40.68 19.77
N VAL B 37 10.44 -32.49 -26.07
CA VAL B 37 11.75 -32.19 -26.60
C VAL B 37 11.79 -30.77 -27.13
N LEU B 38 10.79 -29.97 -26.77
CA LEU B 38 10.76 -28.56 -27.18
C LEU B 38 9.80 -27.83 -26.27
N TYR B 39 10.32 -26.90 -25.47
CA TYR B 39 9.52 -26.08 -24.57
C TYR B 39 9.65 -24.64 -25.02
N VAL B 40 8.54 -24.04 -25.44
CA VAL B 40 8.52 -22.63 -25.84
C VAL B 40 7.58 -21.91 -24.90
N GLY B 41 8.14 -21.06 -24.04
CA GLY B 41 7.35 -20.25 -23.13
C GLY B 41 7.43 -18.79 -23.54
N SER B 42 6.39 -18.04 -23.24
CA SER B 42 6.35 -16.62 -23.57
C SER B 42 5.37 -15.95 -22.62
N LYS B 43 5.89 -15.17 -21.68
CA LYS B 43 5.07 -14.47 -20.69
C LYS B 43 4.30 -15.48 -19.83
N THR B 44 4.96 -16.59 -19.54
CA THR B 44 4.41 -17.68 -18.74
C THR B 44 4.63 -17.39 -17.26
N LYS B 45 3.58 -17.10 -16.52
CA LYS B 45 3.67 -16.89 -15.09
C LYS B 45 3.30 -18.17 -14.35
N GLU B 46 3.99 -18.44 -13.24
CA GLU B 46 3.72 -19.63 -12.44
C GLU B 46 4.02 -19.33 -10.98
N GLY B 47 2.99 -19.39 -10.14
CA GLY B 47 3.17 -19.03 -8.75
C GLY B 47 3.57 -17.58 -8.62
N VAL B 48 2.69 -16.68 -9.04
CA VAL B 48 2.99 -15.26 -9.10
C VAL B 48 1.91 -14.51 -8.34
N VAL B 49 2.32 -13.54 -7.54
CA VAL B 49 1.39 -12.69 -6.79
C VAL B 49 1.75 -11.26 -7.12
N HIS B 50 0.81 -10.51 -7.70
CA HIS B 50 1.11 -9.12 -7.96
C HIS B 50 -0.13 -8.26 -7.82
N GLY B 51 0.08 -6.99 -7.48
CA GLY B 51 -0.98 -6.02 -7.40
C GLY B 51 -1.85 -6.16 -6.17
N VAL B 52 -1.23 -6.27 -5.00
CA VAL B 52 -1.94 -6.50 -3.75
C VAL B 52 -1.89 -5.22 -2.93
N ALA B 53 -3.02 -4.86 -2.33
CA ALA B 53 -3.09 -3.72 -1.45
C ALA B 53 -3.75 -4.16 -0.16
N THR B 54 -3.11 -3.89 0.96
CA THR B 54 -3.56 -4.40 2.24
C THR B 54 -3.47 -3.30 3.29
N VAL B 55 -4.52 -3.18 4.09
CA VAL B 55 -4.51 -2.30 5.24
C VAL B 55 -5.03 -3.10 6.42
N ALA B 56 -4.29 -3.08 7.54
CA ALA B 56 -4.64 -3.88 8.71
C ALA B 56 -4.51 -3.01 9.96
N GLU B 57 -5.59 -2.37 10.35
CA GLU B 57 -5.64 -1.59 11.58
C GLU B 57 -6.14 -2.48 12.71
N LYS B 58 -5.31 -2.72 13.71
CA LYS B 58 -5.70 -3.53 14.85
C LYS B 58 -5.22 -2.86 16.12
N THR B 59 -5.98 -3.04 17.20
CA THR B 59 -5.61 -2.46 18.48
C THR B 59 -4.78 -3.39 19.35
N LYS B 60 -5.03 -4.69 19.29
CA LYS B 60 -4.22 -5.66 20.03
C LYS B 60 -4.07 -6.91 19.18
N GLU B 61 -2.95 -7.60 19.37
CA GLU B 61 -2.73 -8.86 18.64
C GLU B 61 -1.80 -9.71 19.49
N GLN B 62 -2.37 -10.63 20.26
CA GLN B 62 -1.60 -11.53 21.10
C GLN B 62 -1.59 -12.93 20.50
N VAL B 63 -0.52 -13.67 20.77
CA VAL B 63 -0.44 -15.08 20.43
C VAL B 63 0.30 -15.78 21.57
N THR B 64 -0.35 -16.75 22.21
CA THR B 64 0.21 -17.49 23.32
C THR B 64 0.36 -18.94 22.90
N ASN B 65 1.59 -19.41 22.82
CA ASN B 65 1.88 -20.78 22.41
C ASN B 65 2.50 -21.53 23.57
N VAL B 66 2.07 -22.77 23.77
CA VAL B 66 2.65 -23.67 24.76
C VAL B 66 2.91 -25.00 24.06
N GLY B 67 4.11 -25.17 23.53
CA GLY B 67 4.54 -26.48 23.07
C GLY B 67 3.85 -27.03 21.84
N GLY B 68 3.36 -26.18 20.96
CA GLY B 68 2.76 -26.65 19.73
C GLY B 68 3.35 -25.96 18.52
N ALA B 69 2.49 -25.34 17.70
CA ALA B 69 2.95 -24.54 16.58
C ALA B 69 1.88 -23.49 16.30
N VAL B 70 2.33 -22.29 15.95
CA VAL B 70 1.41 -21.22 15.54
C VAL B 70 1.99 -20.52 14.32
N VAL B 71 1.23 -20.48 13.23
CA VAL B 71 1.58 -19.71 12.06
C VAL B 71 0.52 -18.63 11.87
N THR B 72 0.95 -17.39 11.71
CA THR B 72 0.00 -16.30 11.54
C THR B 72 0.59 -15.15 10.74
N GLY B 73 -0.18 -14.68 9.77
CA GLY B 73 0.13 -13.43 9.10
C GLY B 73 0.87 -13.53 7.78
N VAL B 74 0.64 -14.60 7.04
CA VAL B 74 1.27 -14.79 5.73
C VAL B 74 0.46 -14.06 4.69
N THR B 75 1.15 -13.30 3.82
CA THR B 75 0.47 -12.46 2.85
C THR B 75 1.36 -12.21 1.64
N ALA B 76 0.78 -12.33 0.45
CA ALA B 76 1.47 -12.04 -0.80
C ALA B 76 2.74 -12.88 -0.93
N VAL B 77 2.55 -14.20 -0.88
CA VAL B 77 3.65 -15.15 -0.90
C VAL B 77 3.49 -16.03 -2.12
N ALA B 78 4.58 -16.26 -2.83
CA ALA B 78 4.54 -17.03 -4.06
C ALA B 78 5.78 -17.91 -4.15
N GLN B 79 5.60 -19.14 -4.62
CA GLN B 79 6.75 -20.02 -4.78
C GLN B 79 6.47 -21.06 -5.85
N LYS B 80 7.52 -21.74 -6.26
CA LYS B 80 7.43 -22.83 -7.22
C LYS B 80 8.46 -23.89 -6.86
N THR B 81 8.01 -25.13 -6.68
CA THR B 81 8.87 -26.24 -6.31
C THR B 81 8.81 -27.29 -7.40
N VAL B 82 9.97 -27.77 -7.81
CA VAL B 82 10.08 -28.85 -8.80
C VAL B 82 10.78 -30.02 -8.11
N GLU B 83 10.18 -31.21 -8.20
CA GLU B 83 10.76 -32.42 -7.62
C GLU B 83 10.85 -32.31 -6.09
N GLY B 84 9.77 -31.88 -5.46
CA GLY B 84 9.76 -31.81 -4.02
C GLY B 84 8.47 -31.23 -3.49
N ALA B 85 8.22 -31.40 -2.19
CA ALA B 85 6.98 -30.92 -1.58
C ALA B 85 7.12 -29.47 -1.17
N GLY B 86 6.04 -28.72 -1.37
CA GLY B 86 6.05 -27.30 -1.02
C GLY B 86 4.86 -26.89 -0.18
N SER B 87 5.13 -26.43 1.03
CA SER B 87 4.11 -26.02 1.96
C SER B 87 4.28 -24.53 2.25
N ILE B 88 3.18 -23.80 2.32
CA ILE B 88 3.32 -22.36 2.44
C ILE B 88 3.22 -21.93 3.88
N ALA B 89 2.08 -22.15 4.52
CA ALA B 89 1.91 -21.79 5.92
C ALA B 89 1.40 -23.03 6.63
N ALA B 90 2.34 -23.90 7.00
CA ALA B 90 2.02 -25.22 7.51
C ALA B 90 2.47 -25.31 8.96
N ALA B 91 1.53 -25.66 9.84
CA ALA B 91 1.81 -25.86 11.25
C ALA B 91 1.70 -27.33 11.58
N THR B 92 2.72 -27.87 12.24
CA THR B 92 2.74 -29.27 12.67
C THR B 92 2.86 -29.32 14.18
N GLY B 93 2.08 -30.19 14.80
CA GLY B 93 2.00 -30.23 16.25
C GLY B 93 3.23 -30.75 16.95
N PHE B 94 3.53 -32.04 16.77
CA PHE B 94 4.80 -32.63 17.14
C PHE B 94 4.81 -34.06 16.64
N VAL B 95 5.99 -34.53 16.26
CA VAL B 95 6.16 -35.87 15.71
C VAL B 95 6.97 -36.68 16.71
N LYS B 96 6.30 -37.59 17.42
CA LYS B 96 6.92 -38.44 18.42
C LYS B 96 7.06 -39.84 17.84
N LYS B 97 8.26 -40.40 17.93
CA LYS B 97 8.50 -41.77 17.49
C LYS B 97 9.26 -42.54 18.57
N VAL C 37 -16.81 30.35 24.83
CA VAL C 37 -15.79 30.91 25.68
C VAL C 37 -14.97 29.81 26.32
N LEU C 38 -15.12 28.58 25.83
CA LEU C 38 -14.34 27.46 26.34
C LEU C 38 -14.37 26.34 25.31
N TYR C 39 -13.21 26.04 24.74
CA TYR C 39 -13.05 24.97 23.77
C TYR C 39 -12.14 23.92 24.36
N VAL C 40 -12.67 22.71 24.57
CA VAL C 40 -11.89 21.60 25.08
C VAL C 40 -11.90 20.51 24.02
N GLY C 41 -10.75 20.29 23.39
CA GLY C 41 -10.59 19.23 22.41
C GLY C 41 -9.70 18.14 22.96
N SER C 42 -9.93 16.92 22.49
CA SER C 42 -9.12 15.78 22.94
C SER C 42 -9.20 14.71 21.86
N LYS C 43 -8.10 14.52 21.14
CA LYS C 43 -8.03 13.55 20.05
C LYS C 43 -9.02 13.89 18.96
N THR C 44 -9.18 15.18 18.71
CA THR C 44 -10.10 15.72 17.72
C THR C 44 -9.40 15.77 16.37
N LYS C 45 -9.83 14.93 15.44
CA LYS C 45 -9.28 14.93 14.08
C LYS C 45 -10.20 15.73 13.17
N GLU C 46 -9.61 16.46 12.22
CA GLU C 46 -10.37 17.27 11.28
C GLU C 46 -9.63 17.33 9.96
N GLY C 47 -10.21 16.80 8.89
CA GLY C 47 -9.54 16.75 7.62
C GLY C 47 -8.29 15.90 7.72
N VAL C 48 -8.46 14.62 8.01
CA VAL C 48 -7.35 13.72 8.27
C VAL C 48 -7.48 12.51 7.36
N VAL C 49 -6.38 12.09 6.76
CA VAL C 49 -6.35 10.91 5.91
C VAL C 49 -5.24 10.01 6.44
N HIS C 50 -5.59 8.80 6.86
CA HIS C 50 -4.55 7.90 7.30
C HIS C 50 -4.88 6.46 6.97
N GLY C 51 -3.83 5.65 6.80
CA GLY C 51 -3.98 4.24 6.57
C GLY C 51 -4.42 3.89 5.16
N VAL C 52 -3.76 4.45 4.17
CA VAL C 52 -4.13 4.27 2.78
C VAL C 52 -3.10 3.39 2.11
N ALA C 53 -3.56 2.44 1.31
CA ALA C 53 -2.67 1.59 0.54
C ALA C 53 -3.14 1.61 -0.91
N THR C 54 -2.23 1.90 -1.82
CA THR C 54 -2.59 2.10 -3.21
C THR C 54 -1.59 1.40 -4.10
N VAL C 55 -2.09 0.69 -5.10
CA VAL C 55 -1.25 0.12 -6.15
C VAL C 55 -1.87 0.50 -7.48
N ALA C 56 -1.05 1.03 -8.39
CA ALA C 56 -1.54 1.51 -9.68
C ALA C 56 -0.61 1.03 -10.77
N GLU C 57 -0.90 -0.12 -11.35
CA GLU C 57 -0.15 -0.66 -12.48
C GLU C 57 -0.83 -0.21 -13.77
N LYS C 58 -0.13 0.59 -14.56
CA LYS C 58 -0.67 1.05 -15.84
C LYS C 58 0.40 0.93 -16.91
N THR C 59 -0.01 0.68 -18.13
CA THR C 59 0.93 0.56 -19.24
C THR C 59 1.14 1.87 -19.98
N LYS C 60 0.12 2.70 -20.10
CA LYS C 60 0.27 4.01 -20.71
C LYS C 60 -0.61 5.00 -19.98
N GLU C 61 -0.20 6.26 -19.97
CA GLU C 61 -0.99 7.31 -19.34
C GLU C 61 -0.66 8.63 -20.02
N GLN C 62 -1.48 9.03 -20.98
CA GLN C 62 -1.30 10.27 -21.70
C GLN C 62 -2.32 11.29 -21.25
N VAL C 63 -1.95 12.57 -21.33
CA VAL C 63 -2.87 13.68 -21.12
C VAL C 63 -2.50 14.77 -22.11
N THR C 64 -3.45 15.14 -22.97
CA THR C 64 -3.25 16.15 -23.99
C THR C 64 -4.15 17.32 -23.68
N ASN C 65 -3.58 18.47 -23.36
CA ASN C 65 -4.34 19.66 -23.02
C ASN C 65 -4.08 20.73 -24.08
N VAL C 66 -5.15 21.42 -24.49
CA VAL C 66 -5.06 22.56 -25.40
C VAL C 66 -5.89 23.68 -24.79
N GLY C 67 -5.24 24.55 -24.01
CA GLY C 67 -5.86 25.79 -23.58
C GLY C 67 -7.00 25.67 -22.60
N GLY C 68 -7.03 24.63 -21.78
CA GLY C 68 -8.05 24.52 -20.77
C GLY C 68 -7.46 24.27 -19.40
N ALA C 69 -7.88 23.20 -18.75
CA ALA C 69 -7.30 22.78 -17.48
C ALA C 69 -7.48 21.27 -17.35
N VAL C 70 -6.48 20.60 -16.80
CA VAL C 70 -6.56 19.18 -16.52
C VAL C 70 -5.97 18.92 -15.14
N VAL C 71 -6.76 18.31 -14.26
CA VAL C 71 -6.29 17.85 -12.96
C VAL C 71 -6.41 16.34 -12.93
N THR C 72 -5.34 15.65 -12.55
CA THR C 72 -5.40 14.20 -12.51
C THR C 72 -4.42 13.65 -11.49
N GLY C 73 -4.90 12.70 -10.68
CA GLY C 73 -4.04 11.90 -9.85
C GLY C 73 -3.87 12.34 -8.42
N VAL C 74 -4.89 12.95 -7.84
CA VAL C 74 -4.85 13.41 -6.46
C VAL C 74 -5.22 12.25 -5.55
N THR C 75 -4.45 12.04 -4.48
CA THR C 75 -4.63 10.88 -3.62
C THR C 75 -4.10 11.18 -2.23
N ALA C 76 -4.88 10.80 -1.22
CA ALA C 76 -4.48 10.93 0.17
C ALA C 76 -4.10 12.37 0.51
N VAL C 77 -5.08 13.26 0.31
CA VAL C 77 -4.89 14.69 0.48
C VAL C 77 -5.85 15.17 1.55
N ALA C 78 -5.36 15.98 2.47
CA ALA C 78 -6.16 16.45 3.59
C ALA C 78 -5.84 17.91 3.87
N GLN C 79 -6.86 18.71 4.17
CA GLN C 79 -6.62 20.10 4.51
C GLN C 79 -7.74 20.63 5.38
N LYS C 80 -7.49 21.79 5.96
CA LYS C 80 -8.47 22.49 6.76
C LYS C 80 -8.30 23.98 6.55
N THR C 81 -9.39 24.66 6.17
CA THR C 81 -9.38 26.09 5.89
C THR C 81 -10.34 26.77 6.84
N VAL C 82 -9.90 27.86 7.47
CA VAL C 82 -10.73 28.67 8.34
C VAL C 82 -10.80 30.06 7.74
N GLU C 83 -12.02 30.58 7.57
CA GLU C 83 -12.23 31.92 7.03
C GLU C 83 -11.74 32.03 5.58
N GLY C 84 -12.11 31.05 4.76
CA GLY C 84 -11.73 31.09 3.37
C GLY C 84 -12.19 29.87 2.60
N ALA C 85 -12.18 29.94 1.28
CA ALA C 85 -12.64 28.84 0.45
C ALA C 85 -11.53 27.84 0.22
N GLY C 86 -11.88 26.56 0.24
CA GLY C 86 -10.90 25.52 0.04
C GLY C 86 -11.30 24.51 -1.01
N SER C 87 -10.53 24.42 -2.09
CA SER C 87 -10.80 23.52 -3.18
C SER C 87 -9.66 22.52 -3.29
N ILE C 88 -9.99 21.25 -3.55
CA ILE C 88 -8.94 20.24 -3.49
C ILE C 88 -8.40 19.97 -4.87
N ALA C 89 -9.23 19.46 -5.77
CA ALA C 89 -8.81 19.18 -7.13
C ALA C 89 -9.80 19.87 -8.05
N ALA C 90 -9.58 21.16 -8.27
CA ALA C 90 -10.53 22.01 -8.96
C ALA C 90 -9.93 22.46 -10.27
N ALA C 91 -10.63 22.22 -11.37
CA ALA C 91 -10.23 22.65 -12.70
C ALA C 91 -11.17 23.74 -13.18
N THR C 92 -10.61 24.85 -13.64
CA THR C 92 -11.37 25.96 -14.17
C THR C 92 -10.97 26.19 -15.62
N GLY C 93 -11.95 26.41 -16.48
CA GLY C 93 -11.70 26.49 -17.91
C GLY C 93 -10.97 27.74 -18.34
N PHE C 94 -11.61 28.90 -18.22
CA PHE C 94 -10.97 30.19 -18.36
C PHE C 94 -11.99 31.26 -17.99
N VAL C 95 -11.51 32.34 -17.40
CA VAL C 95 -12.37 33.43 -16.96
C VAL C 95 -12.05 34.65 -17.82
N LYS C 96 -12.95 34.97 -18.73
CA LYS C 96 -12.82 36.10 -19.64
C LYS C 96 -13.74 37.21 -19.18
N LYS C 97 -13.19 38.42 -19.04
CA LYS C 97 -14.00 39.58 -18.69
C LYS C 97 -13.68 40.74 -19.63
N VAL D 37 19.59 -29.89 -23.91
CA VAL D 37 20.90 -29.60 -24.45
C VAL D 37 20.97 -28.19 -25.01
N LEU D 38 19.95 -27.38 -24.68
CA LEU D 38 19.93 -25.99 -25.12
C LEU D 38 18.96 -25.22 -24.24
N TYR D 39 19.48 -24.29 -23.46
CA TYR D 39 18.69 -23.43 -22.59
C TYR D 39 18.83 -22.00 -23.08
N VAL D 40 17.73 -21.41 -23.53
CA VAL D 40 17.71 -20.02 -23.96
C VAL D 40 16.76 -19.27 -23.05
N GLY D 41 17.30 -18.39 -22.20
CA GLY D 41 16.52 -17.56 -21.32
C GLY D 41 16.61 -16.11 -21.77
N SER D 42 15.56 -15.35 -21.49
CA SER D 42 15.53 -13.94 -21.87
C SER D 42 14.54 -13.25 -20.94
N LYS D 43 15.06 -12.44 -20.02
CA LYS D 43 14.24 -11.72 -19.06
C LYS D 43 13.45 -12.70 -18.19
N THR D 44 14.10 -13.80 -17.84
CA THR D 44 13.53 -14.87 -17.03
C THR D 44 13.76 -14.55 -15.56
N LYS D 45 12.69 -14.23 -14.84
CA LYS D 45 12.77 -13.99 -13.40
C LYS D 45 12.39 -15.24 -12.64
N GLU D 46 13.06 -15.48 -11.51
CA GLU D 46 12.79 -16.66 -10.69
C GLU D 46 13.06 -16.32 -9.23
N GLY D 47 12.04 -16.35 -8.40
CA GLY D 47 12.20 -15.97 -7.02
C GLY D 47 12.60 -14.51 -6.93
N VAL D 48 11.73 -13.61 -7.38
CA VAL D 48 12.04 -12.20 -7.47
C VAL D 48 10.95 -11.43 -6.74
N VAL D 49 11.35 -10.44 -5.96
CA VAL D 49 10.42 -9.57 -5.25
C VAL D 49 10.78 -8.14 -5.60
N HIS D 50 9.85 -7.41 -6.21
CA HIS D 50 10.16 -6.02 -6.51
C HIS D 50 8.92 -5.15 -6.41
N GLY D 51 9.14 -3.88 -6.10
CA GLY D 51 8.07 -2.90 -6.04
C GLY D 51 7.20 -3.01 -4.82
N VAL D 52 7.80 -3.09 -3.64
CA VAL D 52 7.09 -3.29 -2.40
C VAL D 52 7.13 -1.99 -1.61
N ALA D 53 5.99 -1.62 -1.03
CA ALA D 53 5.91 -0.44 -0.17
C ALA D 53 5.24 -0.85 1.12
N THR D 54 5.88 -0.56 2.24
CA THR D 54 5.41 -1.03 3.52
C THR D 54 5.49 0.09 4.54
N VAL D 55 4.43 0.24 5.32
CA VAL D 55 4.43 1.15 6.46
C VAL D 55 3.90 0.38 7.65
N ALA D 56 4.63 0.42 8.77
CA ALA D 56 4.26 -0.33 9.97
C ALA D 56 4.39 0.56 11.18
N GLU D 57 3.30 1.21 11.56
CA GLU D 57 3.24 2.02 12.76
C GLU D 57 2.72 1.16 13.90
N LYS D 58 3.55 0.94 14.92
CA LYS D 58 3.15 0.17 16.08
C LYS D 58 3.60 0.87 17.34
N THR D 59 2.84 0.72 18.42
CA THR D 59 3.20 1.33 19.68
C THR D 59 4.02 0.42 20.58
N LYS D 60 3.76 -0.88 20.56
CA LYS D 60 4.56 -1.82 21.33
C LYS D 60 4.71 -3.10 20.52
N GLU D 61 5.83 -3.79 20.73
CA GLU D 61 6.06 -5.05 20.05
C GLU D 61 6.98 -5.91 20.93
N GLN D 62 6.39 -6.80 21.71
CA GLN D 62 7.15 -7.68 22.57
C GLN D 62 7.16 -9.09 22.01
N VAL D 63 8.23 -9.83 22.31
CA VAL D 63 8.31 -11.26 22.01
C VAL D 63 9.03 -11.92 23.17
N THR D 64 8.37 -12.86 23.83
CA THR D 64 8.92 -13.58 24.97
C THR D 64 9.07 -15.04 24.58
N ASN D 65 10.30 -15.52 24.53
CA ASN D 65 10.58 -16.90 24.15
C ASN D 65 11.19 -17.63 25.34
N VAL D 66 10.75 -18.87 25.56
CA VAL D 66 11.32 -19.74 26.59
C VAL D 66 11.58 -21.08 25.93
N GLY D 67 12.78 -21.28 25.41
CA GLY D 67 13.22 -22.60 24.99
C GLY D 67 12.54 -23.18 23.77
N GLY D 68 12.06 -22.35 22.86
CA GLY D 68 11.47 -22.85 21.63
C GLY D 68 12.08 -22.19 20.41
N ALA D 69 11.24 -21.59 19.58
CA ALA D 69 11.70 -20.82 18.44
C ALA D 69 10.64 -19.77 18.11
N VAL D 70 11.09 -18.58 17.75
CA VAL D 70 10.19 -17.52 17.30
C VAL D 70 10.78 -16.86 16.07
N VAL D 71 10.02 -16.83 14.97
CA VAL D 71 10.39 -16.09 13.78
C VAL D 71 9.34 -15.02 13.56
N THR D 72 9.78 -13.78 13.37
CA THR D 72 8.83 -12.71 13.16
C THR D 72 9.43 -11.58 12.34
N GLY D 73 8.68 -11.12 11.35
CA GLY D 73 9.00 -9.90 10.64
C GLY D 73 9.75 -10.03 9.33
N VAL D 74 9.52 -11.12 8.62
CA VAL D 74 10.17 -11.34 7.34
C VAL D 74 9.37 -10.63 6.25
N THR D 75 10.07 -9.91 5.37
CA THR D 75 9.39 -9.08 4.38
C THR D 75 10.30 -8.87 3.17
N ALA D 76 9.74 -9.01 1.99
CA ALA D 76 10.45 -8.77 0.73
C ALA D 76 11.71 -9.62 0.64
N VAL D 77 11.52 -10.92 0.72
CA VAL D 77 12.60 -11.89 0.74
C VAL D 77 12.45 -12.80 -0.47
N ALA D 78 13.56 -13.04 -1.17
CA ALA D 78 13.53 -13.84 -2.38
C ALA D 78 14.75 -14.74 -2.43
N GLN D 79 14.59 -15.97 -2.86
CA GLN D 79 15.73 -16.86 -2.99
C GLN D 79 15.46 -17.93 -4.03
N LYS D 80 16.52 -18.62 -4.42
CA LYS D 80 16.42 -19.73 -5.34
C LYS D 80 17.44 -20.78 -4.95
N THR D 81 16.99 -22.02 -4.75
CA THR D 81 17.84 -23.12 -4.33
C THR D 81 17.79 -24.21 -5.40
N VAL D 82 18.96 -24.70 -5.80
CA VAL D 82 19.07 -25.80 -6.75
C VAL D 82 19.76 -26.95 -6.02
N GLU D 83 19.16 -28.14 -6.09
CA GLU D 83 19.72 -29.33 -5.46
C GLU D 83 19.80 -29.19 -3.95
N GLY D 84 18.72 -28.74 -3.34
CA GLY D 84 18.69 -28.63 -1.90
C GLY D 84 17.39 -28.03 -1.39
N ALA D 85 17.13 -28.17 -0.09
CA ALA D 85 15.89 -27.68 0.49
C ALA D 85 16.02 -26.22 0.86
N GLY D 86 14.96 -25.46 0.64
CA GLY D 86 14.97 -24.05 0.94
C GLY D 86 13.78 -23.60 1.76
N SER D 87 14.04 -23.11 2.96
CA SER D 87 13.00 -22.67 3.87
C SER D 87 13.18 -21.19 4.12
N ILE D 88 12.08 -20.44 4.17
CA ILE D 88 12.22 -19.00 4.25
C ILE D 88 12.11 -18.53 5.68
N ALA D 89 10.96 -18.73 6.31
CA ALA D 89 10.78 -18.34 7.70
C ALA D 89 10.26 -19.56 8.43
N ALA D 90 11.19 -20.43 8.84
CA ALA D 90 10.87 -21.74 9.38
C ALA D 90 11.29 -21.78 10.83
N ALA D 91 10.35 -22.11 11.71
CA ALA D 91 10.60 -22.27 13.13
C ALA D 91 10.50 -23.74 13.50
N THR D 92 11.51 -24.27 14.18
CA THR D 92 11.52 -25.63 14.65
C THR D 92 11.63 -25.66 16.17
N GLY D 93 10.83 -26.50 16.80
CA GLY D 93 10.74 -26.50 18.24
C GLY D 93 11.95 -27.01 18.96
N PHE D 94 12.24 -28.30 18.82
CA PHE D 94 13.51 -28.90 19.23
C PHE D 94 13.52 -30.33 18.76
N VAL D 95 14.70 -30.82 18.41
CA VAL D 95 14.88 -32.16 17.90
C VAL D 95 15.69 -32.96 18.92
N LYS D 96 15.00 -33.84 19.64
CA LYS D 96 15.60 -34.68 20.67
C LYS D 96 15.75 -36.10 20.13
N LYS D 97 16.95 -36.66 20.24
CA LYS D 97 17.18 -38.04 19.84
C LYS D 97 17.93 -38.78 20.95
N VAL E 37 -21.19 28.35 24.73
CA VAL E 37 -20.15 28.91 25.59
C VAL E 37 -19.32 27.79 26.21
N LEU E 38 -19.48 26.58 25.69
CA LEU E 38 -18.70 25.44 26.20
C LEU E 38 -18.73 24.34 25.14
N TYR E 39 -17.58 24.05 24.56
CA TYR E 39 -17.44 22.99 23.57
C TYR E 39 -16.52 21.92 24.15
N VAL E 40 -17.05 20.72 24.35
CA VAL E 40 -16.27 19.60 24.84
C VAL E 40 -16.28 18.53 23.77
N GLY E 41 -15.14 18.31 23.12
CA GLY E 41 -14.99 17.27 22.13
C GLY E 41 -14.10 16.17 22.66
N SER E 42 -14.31 14.94 22.18
CA SER E 42 -13.51 13.81 22.61
C SER E 42 -13.60 12.76 21.51
N LYS E 43 -12.50 12.58 20.78
CA LYS E 43 -12.44 11.61 19.68
C LYS E 43 -13.45 11.97 18.60
N THR E 44 -13.60 13.27 18.37
CA THR E 44 -14.52 13.82 17.38
C THR E 44 -13.83 13.88 16.03
N LYS E 45 -14.26 13.06 15.09
CA LYS E 45 -13.73 13.08 13.74
C LYS E 45 -14.65 13.89 12.84
N GLU E 46 -14.06 14.63 11.90
CA GLU E 46 -14.82 15.45 10.97
C GLU E 46 -14.09 15.54 9.64
N GLY E 47 -14.68 15.02 8.59
CA GLY E 47 -14.02 14.99 7.30
C GLY E 47 -12.77 14.14 7.39
N VAL E 48 -12.94 12.85 7.66
CA VAL E 48 -11.82 11.95 7.90
C VAL E 48 -11.97 10.75 6.97
N VAL E 49 -10.87 10.33 6.37
CA VAL E 49 -10.84 9.17 5.50
C VAL E 49 -9.74 8.26 6.00
N HIS E 50 -10.08 7.04 6.40
CA HIS E 50 -9.04 6.14 6.84
C HIS E 50 -9.38 4.70 6.49
N GLY E 51 -8.33 3.90 6.31
CA GLY E 51 -8.49 2.49 6.05
C GLY E 51 -8.93 2.16 4.64
N VAL E 52 -8.27 2.73 3.65
CA VAL E 52 -8.65 2.57 2.26
C VAL E 52 -7.61 1.70 1.57
N ALA E 53 -8.09 0.77 0.76
CA ALA E 53 -7.21 -0.08 -0.03
C ALA E 53 -7.69 -0.05 -1.46
N THR E 54 -6.78 0.26 -2.38
CA THR E 54 -7.14 0.48 -3.77
C THR E 54 -6.15 -0.21 -4.67
N VAL E 55 -6.65 -0.90 -5.68
CA VAL E 55 -5.82 -1.46 -6.74
C VAL E 55 -6.44 -1.07 -8.07
N ALA E 56 -5.64 -0.51 -8.97
CA ALA E 56 -6.13 -0.02 -10.25
C ALA E 56 -5.20 -0.49 -11.36
N GLU E 57 -5.50 -1.64 -11.94
CA GLU E 57 -4.76 -2.16 -13.08
C GLU E 57 -5.44 -1.69 -14.36
N LYS E 58 -4.75 -0.87 -15.15
CA LYS E 58 -5.29 -0.40 -16.41
C LYS E 58 -4.22 -0.51 -17.49
N THR E 59 -4.65 -0.74 -18.72
CA THR E 59 -3.71 -0.84 -19.83
C THR E 59 -3.50 0.49 -20.55
N LYS E 60 -4.52 1.32 -20.65
CA LYS E 60 -4.37 2.63 -21.26
C LYS E 60 -5.25 3.61 -20.51
N GLU E 61 -4.82 4.87 -20.48
CA GLU E 61 -5.62 5.91 -19.83
C GLU E 61 -5.29 7.24 -20.49
N GLN E 62 -6.12 7.64 -21.45
CA GLN E 62 -5.93 8.91 -22.15
C GLN E 62 -6.96 9.93 -21.67
N VAL E 63 -6.58 11.20 -21.75
CA VAL E 63 -7.49 12.31 -21.51
C VAL E 63 -7.13 13.41 -22.49
N THR E 64 -8.09 13.79 -23.34
CA THR E 64 -7.88 14.82 -24.35
C THR E 64 -8.79 15.99 -24.02
N ASN E 65 -8.20 17.13 -23.68
CA ASN E 65 -8.95 18.32 -23.33
C ASN E 65 -8.72 19.40 -24.37
N VAL E 66 -9.78 20.10 -24.76
CA VAL E 66 -9.70 21.25 -25.66
C VAL E 66 -10.51 22.36 -25.03
N GLY E 67 -9.87 23.22 -24.24
CA GLY E 67 -10.49 24.45 -23.80
C GLY E 67 -11.62 24.33 -22.81
N GLY E 68 -11.64 23.27 -22.00
CA GLY E 68 -12.67 23.15 -20.99
C GLY E 68 -12.06 22.88 -19.63
N ALA E 69 -12.49 21.79 -18.98
CA ALA E 69 -11.90 21.36 -17.73
C ALA E 69 -12.08 19.85 -17.62
N VAL E 70 -11.07 19.17 -17.08
CA VAL E 70 -11.15 17.74 -16.82
C VAL E 70 -10.56 17.46 -15.44
N VAL E 71 -11.34 16.85 -14.57
CA VAL E 71 -10.86 16.37 -13.28
C VAL E 71 -11.00 14.86 -13.27
N THR E 72 -9.92 14.17 -12.91
CA THR E 72 -9.99 12.71 -12.88
C THR E 72 -8.99 12.13 -11.88
N GLY E 73 -9.47 11.19 -11.08
CA GLY E 73 -8.61 10.37 -10.26
C GLY E 73 -8.44 10.79 -8.82
N VAL E 74 -9.46 11.40 -8.23
CA VAL E 74 -9.40 11.84 -6.85
C VAL E 74 -9.77 10.67 -5.95
N THR E 75 -8.99 10.44 -4.90
CA THR E 75 -9.17 9.27 -4.04
C THR E 75 -8.64 9.54 -2.66
N ALA E 76 -9.40 9.16 -1.64
CA ALA E 76 -8.99 9.26 -0.24
C ALA E 76 -8.63 10.70 0.11
N VAL E 77 -9.59 11.60 -0.09
CA VAL E 77 -9.41 13.02 0.11
C VAL E 77 -10.36 13.48 1.20
N ALA E 78 -9.86 14.28 2.12
CA ALA E 78 -10.66 14.74 3.25
C ALA E 78 -10.33 16.19 3.54
N GLN E 79 -11.35 16.99 3.86
CA GLN E 79 -11.10 18.38 4.21
C GLN E 79 -12.21 18.89 5.11
N LYS E 80 -11.96 20.04 5.70
CA LYS E 80 -12.95 20.74 6.52
C LYS E 80 -12.78 22.24 6.33
N THR E 81 -13.86 22.92 5.96
CA THR E 81 -13.85 24.35 5.70
C THR E 81 -14.81 25.02 6.66
N VAL E 82 -14.36 26.09 7.31
CA VAL E 82 -15.18 26.90 8.19
C VAL E 82 -15.25 28.30 7.61
N GLU E 83 -16.48 28.82 7.44
CA GLU E 83 -16.69 30.17 6.92
C GLU E 83 -16.21 30.30 5.48
N GLY E 84 -16.58 29.32 4.65
CA GLY E 84 -16.21 29.39 3.26
C GLY E 84 -16.67 28.17 2.49
N ALA E 85 -16.67 28.27 1.15
CA ALA E 85 -17.15 27.18 0.31
C ALA E 85 -16.03 26.18 0.06
N GLY E 86 -16.38 24.90 0.07
CA GLY E 86 -15.40 23.86 -0.15
C GLY E 86 -15.81 22.86 -1.21
N SER E 87 -15.04 22.79 -2.29
CA SER E 87 -15.32 21.90 -3.40
C SER E 87 -14.19 20.90 -3.52
N ILE E 88 -14.51 19.65 -3.80
CA ILE E 88 -13.47 18.64 -3.76
C ILE E 88 -12.93 18.38 -5.15
N ALA E 89 -13.78 17.88 -6.04
CA ALA E 89 -13.35 17.62 -7.42
C ALA E 89 -14.35 18.32 -8.32
N ALA E 90 -14.13 19.61 -8.53
CA ALA E 90 -15.09 20.47 -9.20
C ALA E 90 -14.49 20.95 -10.51
N ALA E 91 -15.20 20.71 -11.61
CA ALA E 91 -14.80 21.17 -12.93
C ALA E 91 -15.75 22.26 -13.39
N THR E 92 -15.18 23.37 -13.84
CA THR E 92 -15.95 24.50 -14.35
C THR E 92 -15.55 24.76 -15.79
N GLY E 93 -16.53 24.98 -16.65
CA GLY E 93 -16.30 25.08 -18.07
C GLY E 93 -15.56 26.33 -18.50
N PHE E 94 -16.21 27.49 -18.36
CA PHE E 94 -15.56 28.79 -18.48
C PHE E 94 -16.58 29.85 -18.10
N VAL E 95 -16.09 30.92 -17.49
CA VAL E 95 -16.95 32.01 -17.02
C VAL E 95 -16.63 33.24 -17.88
N LYS E 96 -17.54 33.57 -18.78
CA LYS E 96 -17.41 34.72 -19.67
C LYS E 96 -18.33 35.83 -19.19
N LYS E 97 -17.78 37.03 -19.03
CA LYS E 97 -18.57 38.19 -18.67
C LYS E 97 -18.26 39.36 -19.59
N VAL F 37 -12.34 32.36 24.96
CA VAL F 37 -11.31 32.94 25.81
C VAL F 37 -10.49 31.84 26.47
N LEU F 38 -10.66 30.61 25.99
CA LEU F 38 -9.89 29.49 26.52
C LEU F 38 -9.91 28.37 25.50
N TYR F 39 -8.74 28.05 24.94
CA TYR F 39 -8.59 26.97 23.98
C TYR F 39 -7.68 25.92 24.60
N VAL F 40 -8.21 24.72 24.81
CA VAL F 40 -7.44 23.62 25.34
C VAL F 40 -7.44 22.51 24.30
N GLY F 41 -6.29 22.27 23.68
CA GLY F 41 -6.14 21.20 22.71
C GLY F 41 -5.25 20.12 23.28
N SER F 42 -5.48 18.89 22.83
CA SER F 42 -4.67 17.76 23.29
C SER F 42 -4.75 16.68 22.23
N LYS F 43 -3.64 16.47 21.51
CA LYS F 43 -3.57 15.49 20.44
C LYS F 43 -4.57 15.81 19.33
N THR F 44 -4.72 17.11 19.07
CA THR F 44 -5.63 17.63 18.06
C THR F 44 -4.92 17.66 16.71
N LYS F 45 -5.34 16.80 15.79
CA LYS F 45 -4.81 16.79 14.44
C LYS F 45 -5.71 17.58 13.51
N GLU F 46 -5.12 18.29 12.57
CA GLU F 46 -5.87 19.09 11.61
C GLU F 46 -5.13 19.14 10.28
N GLY F 47 -5.71 18.59 9.23
CA GLY F 47 -5.03 18.52 7.96
C GLY F 47 -3.78 17.67 8.08
N VAL F 48 -3.96 16.40 8.39
CA VAL F 48 -2.85 15.50 8.66
C VAL F 48 -2.99 14.28 7.76
N VAL F 49 -1.88 13.84 7.18
CA VAL F 49 -1.84 12.66 6.34
C VAL F 49 -0.75 11.76 6.88
N HIS F 50 -1.10 10.56 7.31
CA HIS F 50 -0.06 9.66 7.78
C HIS F 50 -0.40 8.22 7.47
N GLY F 51 0.65 7.41 7.31
CA GLY F 51 0.49 5.99 7.10
C GLY F 51 0.06 5.62 5.69
N VAL F 52 0.74 6.17 4.69
CA VAL F 52 0.37 5.98 3.30
C VAL F 52 1.41 5.08 2.65
N ALA F 53 0.94 4.12 1.86
CA ALA F 53 1.82 3.25 1.10
C ALA F 53 1.37 3.26 -0.34
N THR F 54 2.28 3.53 -1.26
CA THR F 54 1.92 3.72 -2.65
C THR F 54 2.93 3.00 -3.53
N VAL F 55 2.43 2.28 -4.53
CA VAL F 55 3.27 1.69 -5.56
C VAL F 55 2.66 2.05 -6.89
N ALA F 56 3.48 2.58 -7.80
CA ALA F 56 3.00 3.03 -9.11
C ALA F 56 3.94 2.54 -10.19
N GLU F 57 3.64 1.38 -10.75
CA GLU F 57 4.40 0.83 -11.87
C GLU F 57 3.73 1.27 -13.17
N LYS F 58 4.42 2.05 -13.98
CA LYS F 58 3.90 2.49 -15.26
C LYS F 58 4.97 2.36 -16.31
N THR F 59 4.56 2.08 -17.55
CA THR F 59 5.50 1.95 -18.64
C THR F 59 5.72 3.26 -19.40
N LYS F 60 4.70 4.10 -19.54
CA LYS F 60 4.86 5.39 -20.16
C LYS F 60 3.97 6.39 -19.45
N GLU F 61 4.40 7.65 -19.46
CA GLU F 61 3.61 8.71 -18.84
C GLU F 61 3.94 10.02 -19.54
N GLN F 62 3.12 10.41 -20.50
CA GLN F 62 3.31 11.64 -21.24
C GLN F 62 2.29 12.67 -20.80
N VAL F 63 2.67 13.95 -20.90
CA VAL F 63 1.75 15.07 -20.71
C VAL F 63 2.13 16.13 -21.72
N THR F 64 1.18 16.49 -22.58
CA THR F 64 1.39 17.49 -23.62
C THR F 64 0.48 18.68 -23.33
N ASN F 65 1.07 19.82 -23.02
CA ASN F 65 0.31 21.02 -22.70
C ASN F 65 0.57 22.08 -23.77
N VAL F 66 -0.50 22.77 -24.19
CA VAL F 66 -0.40 23.89 -25.12
C VAL F 66 -1.22 25.03 -24.52
N GLY F 67 -0.58 25.89 -23.75
CA GLY F 67 -1.19 27.14 -23.35
C GLY F 67 -2.35 27.04 -22.37
N GLY F 68 -2.39 26.01 -21.53
CA GLY F 68 -3.41 25.92 -20.53
C GLY F 68 -2.82 25.68 -19.15
N ALA F 69 -3.24 24.61 -18.49
CA ALA F 69 -2.68 24.22 -17.22
C ALA F 69 -2.86 22.72 -17.06
N VAL F 70 -1.85 22.05 -16.50
CA VAL F 70 -1.95 20.63 -16.21
C VAL F 70 -1.37 20.39 -14.81
N VAL F 71 -2.16 19.79 -13.93
CA VAL F 71 -1.69 19.35 -12.62
C VAL F 71 -1.83 17.84 -12.57
N THR F 72 -0.76 17.15 -12.19
CA THR F 72 -0.81 15.70 -12.12
C THR F 72 0.16 15.15 -11.09
N GLY F 73 -0.33 14.23 -10.26
CA GLY F 73 0.53 13.43 -9.42
C GLY F 73 0.70 13.89 -7.99
N VAL F 74 -0.33 14.52 -7.43
CA VAL F 74 -0.30 14.99 -6.06
C VAL F 74 -0.67 13.84 -5.14
N THR F 75 0.10 13.65 -4.07
CA THR F 75 -0.10 12.50 -3.19
C THR F 75 0.44 12.81 -1.80
N ALA F 76 -0.35 12.45 -0.79
CA ALA F 76 0.05 12.59 0.61
C ALA F 76 0.42 14.04 0.93
N VAL F 77 -0.55 14.92 0.70
CA VAL F 77 -0.35 16.36 0.86
C VAL F 77 -1.32 16.85 1.93
N ALA F 78 -0.83 17.67 2.83
CA ALA F 78 -1.64 18.16 3.94
C ALA F 78 -1.31 19.62 4.21
N GLN F 79 -2.33 20.43 4.49
CA GLN F 79 -2.09 21.83 4.80
C GLN F 79 -3.20 22.36 5.67
N LYS F 80 -2.96 23.54 6.24
CA LYS F 80 -3.95 24.25 7.03
C LYS F 80 -3.77 25.74 6.79
N THR F 81 -4.85 26.41 6.41
CA THR F 81 -4.84 27.84 6.11
C THR F 81 -5.81 28.54 7.04
N VAL F 82 -5.36 29.63 7.65
CA VAL F 82 -6.20 30.46 8.52
C VAL F 82 -6.25 31.84 7.89
N GLU F 83 -7.47 32.36 7.72
CA GLU F 83 -7.68 33.69 7.16
C GLU F 83 -7.18 33.78 5.71
N GLY F 84 -7.55 32.79 4.91
CA GLY F 84 -7.17 32.81 3.51
C GLY F 84 -7.62 31.58 2.76
N ALA F 85 -7.62 31.64 1.44
CA ALA F 85 -8.08 30.52 0.61
C ALA F 85 -6.97 29.53 0.41
N GLY F 86 -7.31 28.24 0.44
CA GLY F 86 -6.34 27.19 0.25
C GLY F 86 -6.74 26.17 -0.78
N SER F 87 -5.96 26.07 -1.85
CA SER F 87 -6.23 25.15 -2.94
C SER F 87 -5.10 24.15 -3.02
N ILE F 88 -5.42 22.89 -3.27
CA ILE F 88 -4.37 21.88 -3.19
C ILE F 88 -3.83 21.58 -4.57
N ALA F 89 -4.66 21.06 -5.46
CA ALA F 89 -4.22 20.76 -6.82
C ALA F 89 -5.21 21.43 -7.75
N ALA F 90 -5.00 22.72 -7.99
CA ALA F 90 -5.94 23.57 -8.70
C ALA F 90 -5.33 24.01 -10.01
N ALA F 91 -6.03 23.74 -11.11
CA ALA F 91 -5.62 24.15 -12.44
C ALA F 91 -6.55 25.25 -12.94
N THR F 92 -5.99 26.35 -13.41
CA THR F 92 -6.75 27.45 -13.96
C THR F 92 -6.34 27.67 -15.40
N GLY F 93 -7.32 27.87 -16.28
CA GLY F 93 -7.06 27.94 -17.70
C GLY F 93 -6.32 29.17 -18.15
N PHE F 94 -6.97 30.34 -18.05
CA PHE F 94 -6.32 31.63 -18.20
C PHE F 94 -7.33 32.70 -17.86
N VAL F 95 -6.86 33.79 -17.28
CA VAL F 95 -7.72 34.88 -16.85
C VAL F 95 -7.39 36.09 -17.72
N LYS F 96 -8.29 36.40 -18.65
CA LYS F 96 -8.14 37.52 -19.56
C LYS F 96 -9.07 38.65 -19.12
N LYS F 97 -8.52 39.85 -18.99
CA LYS F 97 -9.32 41.02 -18.66
C LYS F 97 -9.00 42.16 -19.63
C13 IZM G . 14.77 -21.74 -17.69
C20 IZM G . 8.91 -28.58 -13.81
C21 IZM G . 8.80 -29.94 -14.19
C16 IZM G . 15.67 -19.52 -18.47
C19 IZM G . 9.78 -27.75 -14.50
C15 IZM G . 16.85 -21.71 -19.11
C10 IZM G . 13.35 -23.51 -16.82
C11 IZM G . 13.04 -22.30 -16.22
C01 IZM G . 8.34 -32.05 -16.48
O02 IZM G . 9.45 -31.78 -15.62
C03 IZM G . 9.57 -30.44 -15.26
C04 IZM G . 10.43 -29.61 -15.93
C05 IZM G . 10.54 -28.23 -15.54
O06 IZM G . 11.27 -27.22 -16.02
C07 IZM G . 11.04 -26.13 -15.34
C08 IZM G . 11.70 -24.80 -15.60
C09 IZM G . 12.64 -24.89 -16.53
N12 IZM G . 13.91 -21.23 -16.76
N14 IZM G . 15.75 -20.99 -18.41
S17 IZM G . 14.52 -23.32 -17.86
N18 IZM G . 10.12 -26.40 -14.39
C13 IZM H . -9.25 23.59 18.47
C20 IZM H . -17.03 25.47 12.81
C21 IZM H . -18.06 26.41 13.04
C16 IZM H . -7.35 22.38 19.61
C19 IZM H . -16.01 25.31 13.75
C15 IZM H . -8.03 24.76 20.33
C10 IZM H . -11.23 24.13 17.16
C11 IZM H . -10.55 23.04 16.60
C01 IZM H . -20.27 27.53 14.98
O02 IZM H . -19.07 28.10 14.43
C03 IZM H . -18.06 27.17 14.21
C04 IZM H . -17.05 27.02 15.13
C05 IZM H . -16.01 26.08 14.88
O06 IZM H . -14.93 25.73 15.60
C07 IZM H . -14.25 24.80 14.98
C08 IZM H . -12.97 24.17 15.49
C09 IZM H . -12.55 24.76 16.60
N12 IZM H . -9.35 22.74 17.41
N14 IZM H . -8.22 23.57 19.46
S17 IZM H . -10.48 24.63 18.46
N18 IZM H . -14.88 24.51 13.82
#